data_8PPC
#
_entry.id   8PPC
#
_cell.length_a   71.915
_cell.length_b   97.904
_cell.length_c   191.881
_cell.angle_alpha   90.00
_cell.angle_beta   90.00
_cell.angle_gamma   90.00
#
_symmetry.space_group_name_H-M   'C 2 2 21'
#
loop_
_entity.id
_entity.type
_entity.pdbx_description
1 polymer 'Inositol-trisphosphate 3-kinase A'
2 non-polymer 'L-chiro-inositol 2,3,5-trisphosphate'
3 non-polymer "ADENOSINE-5'-TRIPHOSPHATE"
4 non-polymer 'MANGANESE (II) ION'
5 non-polymer 'SULFATE ION'
6 water water
#
_entity_poly.entity_id   1
_entity_poly.type   'polypeptide(L)'
_entity_poly.pdbx_seq_one_letter_code
;GSHMSWVQLAGHTGSFKAAGTSGLILKRCSEPERYCLARLMADALRGCVPAFHGVVERDGESYLQLQDLLDGFDGPCVLD
CKMGVRTYLEEELTKARERPKLRKDMYKKMLAVDPEAPTEEEHAQRAVTKPRYMQWREGISSSTTLGFRIEGIKKADGSC
STDFKTTRSREQVLRVFEEFVQGDEEVLRRYLNRLQQIRDTLEVSEFFRRHEVIGSSLLFVHDHCHRAGVWLIDFGKTTP
LPDGQILDHRRPWEEGNREDGYLLGLDNLIGILASLAER
;
_entity_poly.pdbx_strand_id   A,B
#
loop_
_chem_comp.id
_chem_comp.type
_chem_comp.name
_chem_comp.formula
2KM non-polymer 'L-chiro-inositol 2,3,5-trisphosphate' 'C6 H15 O15 P3'
ATP non-polymer ADENOSINE-5'-TRIPHOSPHATE 'C10 H16 N5 O13 P3'
MN non-polymer 'MANGANESE (II) ION' 'Mn 2'
SO4 non-polymer 'SULFATE ION' 'O4 S -2'
#
# COMPACT_ATOMS: atom_id res chain seq x y z
N GLY A 1 -11.37 1.28 14.24
CA GLY A 1 -10.79 1.55 15.57
C GLY A 1 -9.90 2.79 15.56
N SER A 2 -8.68 2.69 15.04
CA SER A 2 -7.68 3.78 15.11
C SER A 2 -6.77 3.76 13.89
N HIS A 3 -6.28 4.93 13.46
CA HIS A 3 -5.43 5.06 12.25
C HIS A 3 -4.03 4.51 12.58
N MET A 4 -3.53 4.74 13.79
CA MET A 4 -2.19 4.28 14.25
C MET A 4 -2.13 2.75 14.32
N SER A 5 -3.23 2.07 14.68
CA SER A 5 -3.41 0.60 14.51
C SER A 5 -3.08 0.20 13.06
N TRP A 6 -3.64 0.92 12.08
CA TRP A 6 -3.45 0.63 10.64
C TRP A 6 -1.99 0.89 10.27
N VAL A 7 -1.44 2.03 10.70
CA VAL A 7 0.00 2.40 10.49
C VAL A 7 0.87 1.23 10.96
N GLN A 8 0.63 0.74 12.19
CA GLN A 8 1.36 -0.41 12.82
C GLN A 8 1.27 -1.65 11.93
N LEU A 9 0.04 -2.14 11.66
CA LEU A 9 -0.21 -3.37 10.86
C LEU A 9 0.36 -3.22 9.45
N ALA A 10 0.30 -2.01 8.86
CA ALA A 10 0.91 -1.70 7.54
C ALA A 10 2.42 -1.47 7.72
N GLY A 14 4.38 8.39 8.16
CA GLY A 14 5.09 8.82 9.37
C GLY A 14 5.00 10.32 9.64
N SER A 15 3.92 10.99 9.23
CA SER A 15 3.59 12.38 9.60
C SER A 15 2.55 12.39 10.74
N PHE A 16 2.18 11.19 11.20
CA PHE A 16 1.21 10.93 12.30
C PHE A 16 1.87 10.14 13.44
N LYS A 17 1.35 10.35 14.64
CA LYS A 17 1.87 9.80 15.90
C LYS A 17 0.68 9.43 16.78
N ALA A 18 0.79 8.30 17.50
CA ALA A 18 -0.15 7.87 18.55
C ALA A 18 -0.32 8.99 19.58
N ALA A 19 -1.56 9.32 19.95
CA ALA A 19 -1.90 10.32 20.99
C ALA A 19 -2.06 9.61 22.33
N GLY A 20 -1.81 10.34 23.43
CA GLY A 20 -2.00 9.82 24.81
C GLY A 20 -3.44 9.46 25.03
N THR A 21 -4.36 10.35 24.63
CA THR A 21 -5.82 10.28 24.89
C THR A 21 -6.47 9.28 23.91
N SER A 22 -7.42 8.50 24.42
CA SER A 22 -8.28 7.59 23.63
C SER A 22 -9.04 8.41 22.56
N GLY A 23 -9.06 7.92 21.32
CA GLY A 23 -9.88 8.48 20.23
C GLY A 23 -9.25 9.69 19.60
N LEU A 24 -7.97 9.97 19.91
CA LEU A 24 -7.21 11.12 19.33
C LEU A 24 -6.04 10.59 18.52
N ILE A 25 -5.51 11.42 17.64
CA ILE A 25 -4.33 11.14 16.82
C ILE A 25 -3.57 12.46 16.69
N LEU A 26 -2.26 12.39 16.53
CA LEU A 26 -1.36 13.57 16.42
C LEU A 26 -0.87 13.66 15.00
N LYS A 27 -0.94 14.87 14.41
CA LYS A 27 -0.40 15.15 13.07
C LYS A 27 0.63 16.27 13.22
N ARG A 28 1.81 16.12 12.60
CA ARG A 28 2.87 17.17 12.60
C ARG A 28 2.23 18.52 12.28
N CYS A 29 2.41 19.50 13.16
CA CYS A 29 1.89 20.90 13.04
C CYS A 29 2.57 21.62 11.86
N SER A 30 1.76 22.24 11.00
CA SER A 30 2.15 23.21 9.95
C SER A 30 1.29 24.44 10.17
N GLU A 31 1.84 25.63 9.93
CA GLU A 31 1.18 26.91 10.30
C GLU A 31 -0.09 27.08 9.49
N PRO A 32 -0.09 26.79 8.15
CA PRO A 32 -1.32 26.94 7.38
C PRO A 32 -2.42 26.04 8.01
N GLU A 33 -2.10 24.78 8.28
CA GLU A 33 -3.10 23.77 8.72
C GLU A 33 -3.63 24.11 10.11
N ARG A 34 -2.75 24.48 11.02
CA ARG A 34 -3.14 24.93 12.39
C ARG A 34 -4.10 26.12 12.33
N TYR A 35 -3.77 27.15 11.54
CA TYR A 35 -4.62 28.33 11.30
C TYR A 35 -6.00 27.85 10.80
N CYS A 36 -6.02 26.95 9.81
CA CYS A 36 -7.29 26.50 9.17
C CYS A 36 -8.19 25.78 10.17
N LEU A 37 -7.64 24.83 10.90
CA LEU A 37 -8.41 23.98 11.84
C LEU A 37 -8.99 24.86 12.95
N ALA A 38 -8.24 25.86 13.43
CA ALA A 38 -8.74 26.82 14.43
C ALA A 38 -9.97 27.56 13.90
N ARG A 39 -9.90 28.14 12.71
CA ARG A 39 -11.03 28.83 12.03
C ARG A 39 -12.19 27.82 11.88
N LEU A 40 -11.88 26.61 11.45
CA LEU A 40 -12.92 25.61 11.07
C LEU A 40 -13.75 25.24 12.30
N MET A 41 -13.17 25.15 13.50
CA MET A 41 -13.93 24.81 14.73
C MET A 41 -15.03 25.85 15.02
N ALA A 42 -14.93 27.07 14.47
CA ALA A 42 -15.87 28.20 14.67
C ALA A 42 -16.72 28.43 13.42
N ASP A 43 -16.64 27.54 12.44
CA ASP A 43 -17.25 27.76 11.11
C ASP A 43 -18.45 26.84 10.97
N ALA A 44 -19.30 27.09 9.96
CA ALA A 44 -20.37 26.16 9.55
C ALA A 44 -19.76 24.77 9.31
N LEU A 45 -18.49 24.67 8.87
CA LEU A 45 -17.89 23.36 8.48
C LEU A 45 -17.38 22.57 9.67
N ARG A 46 -17.63 23.06 10.88
CA ARG A 46 -17.17 22.43 12.15
C ARG A 46 -17.40 20.90 12.13
N GLY A 47 -18.61 20.46 11.78
CA GLY A 47 -19.01 19.04 11.83
C GLY A 47 -18.49 18.21 10.67
N CYS A 48 -17.91 18.84 9.66
CA CYS A 48 -17.44 18.22 8.40
C CYS A 48 -15.93 17.95 8.43
N VAL A 49 -15.26 18.25 9.54
CA VAL A 49 -13.79 18.13 9.66
C VAL A 49 -13.51 17.47 11.01
N PRO A 50 -12.33 16.83 11.16
CA PRO A 50 -11.95 16.27 12.44
C PRO A 50 -11.89 17.37 13.50
N ALA A 51 -12.35 17.05 14.70
CA ALA A 51 -12.26 17.93 15.87
C ALA A 51 -10.78 18.26 16.09
N PHE A 52 -10.47 19.52 16.35
CA PHE A 52 -9.10 20.02 16.59
C PHE A 52 -9.05 20.50 18.05
N HIS A 53 -8.17 19.92 18.87
CA HIS A 53 -8.15 20.16 20.34
C HIS A 53 -6.98 21.08 20.73
N GLY A 54 -6.17 21.48 19.76
CA GLY A 54 -4.97 22.31 20.00
C GLY A 54 -3.67 21.59 19.64
N VAL A 55 -2.55 22.16 20.06
CA VAL A 55 -1.18 21.70 19.73
C VAL A 55 -0.55 21.14 20.99
N VAL A 56 0.23 20.06 20.85
CA VAL A 56 1.02 19.43 21.94
C VAL A 56 2.45 19.23 21.43
N GLU A 57 3.42 19.25 22.36
CA GLU A 57 4.86 19.00 22.11
C GLU A 57 5.15 17.52 22.41
N ARG A 58 5.82 16.82 21.50
CA ARG A 58 6.20 15.39 21.69
C ARG A 58 7.61 15.21 21.09
N ASP A 59 8.60 14.94 21.96
CA ASP A 59 10.04 14.82 21.58
C ASP A 59 10.48 16.15 20.98
N GLY A 60 10.18 17.25 21.68
CA GLY A 60 10.49 18.64 21.27
C GLY A 60 9.97 18.96 19.88
N GLU A 61 8.72 18.58 19.59
CA GLU A 61 8.11 18.72 18.24
C GLU A 61 6.62 19.05 18.37
N SER A 62 6.13 19.97 17.53
CA SER A 62 4.72 20.46 17.52
C SER A 62 3.79 19.49 16.79
N TYR A 63 2.71 19.05 17.45
CA TYR A 63 1.63 18.21 16.84
C TYR A 63 0.24 18.80 17.08
N LEU A 64 -0.58 18.80 16.02
CA LEU A 64 -2.04 18.99 16.10
C LEU A 64 -2.67 17.77 16.79
N GLN A 65 -3.47 18.00 17.83
CA GLN A 65 -4.25 16.94 18.50
C GLN A 65 -5.60 16.84 17.77
N LEU A 66 -5.82 15.77 17.00
CA LEU A 66 -7.04 15.63 16.18
C LEU A 66 -7.88 14.45 16.66
N GLN A 67 -9.17 14.57 16.42
CA GLN A 67 -10.08 13.42 16.43
C GLN A 67 -9.53 12.35 15.48
N ASP A 68 -9.42 11.13 15.98
CA ASP A 68 -9.19 9.93 15.13
C ASP A 68 -10.54 9.56 14.53
N LEU A 69 -10.69 9.79 13.24
CA LEU A 69 -11.97 9.58 12.52
C LEU A 69 -12.36 8.10 12.45
N LEU A 70 -11.41 7.17 12.68
CA LEU A 70 -11.67 5.70 12.61
C LEU A 70 -12.24 5.18 13.93
N ASP A 71 -12.14 5.94 15.02
CA ASP A 71 -12.51 5.52 16.41
C ASP A 71 -13.93 4.94 16.50
N GLY A 72 -14.93 5.49 15.78
CA GLY A 72 -16.31 4.96 15.87
C GLY A 72 -16.53 3.61 15.18
N PHE A 73 -15.61 3.13 14.36
CA PHE A 73 -15.85 2.06 13.37
C PHE A 73 -15.25 0.75 13.87
N ASP A 74 -15.84 -0.37 13.45
CA ASP A 74 -15.30 -1.73 13.73
C ASP A 74 -14.63 -2.27 12.46
N GLY A 75 -13.30 -2.22 12.40
CA GLY A 75 -12.50 -2.63 11.22
C GLY A 75 -12.81 -1.77 9.99
N PRO A 76 -12.55 -0.45 10.04
CA PRO A 76 -12.94 0.43 8.94
C PRO A 76 -12.18 0.26 7.62
N CYS A 77 -12.92 0.37 6.52
CA CYS A 77 -12.50 0.60 5.11
C CYS A 77 -12.38 2.11 4.92
N VAL A 78 -11.34 2.61 4.25
CA VAL A 78 -11.06 4.07 4.13
C VAL A 78 -10.72 4.34 2.67
N LEU A 79 -11.32 5.36 2.07
CA LEU A 79 -10.96 5.82 0.72
C LEU A 79 -10.67 7.32 0.83
N ASP A 80 -9.53 7.73 0.28
CA ASP A 80 -9.05 9.13 0.28
C ASP A 80 -9.22 9.66 -1.14
N CYS A 81 -9.97 10.75 -1.26
CA CYS A 81 -10.32 11.42 -2.53
C CYS A 81 -9.69 12.82 -2.52
N LYS A 82 -8.66 13.08 -3.34
CA LYS A 82 -8.04 14.43 -3.42
C LYS A 82 -8.95 15.36 -4.22
N MET A 83 -9.36 16.47 -3.62
CA MET A 83 -10.39 17.36 -4.22
C MET A 83 -9.74 18.54 -4.96
N GLY A 84 -10.25 18.86 -6.14
CA GLY A 84 -9.90 20.10 -6.87
C GLY A 84 -9.39 19.78 -8.27
N VAL A 85 -9.55 20.74 -9.18
CA VAL A 85 -9.06 20.58 -10.57
C VAL A 85 -7.56 20.89 -10.51
N ARG A 86 -7.16 21.69 -9.55
CA ARG A 86 -5.74 22.12 -9.37
C ARG A 86 -5.27 21.59 -8.01
N THR A 87 -4.02 21.13 -7.93
CA THR A 87 -3.47 20.39 -6.75
C THR A 87 -2.20 21.07 -6.22
N TYR A 88 -1.85 22.24 -6.74
CA TYR A 88 -0.69 23.04 -6.30
C TYR A 88 -1.12 24.51 -6.19
N LEU A 89 -0.44 25.28 -5.36
CA LEU A 89 -0.67 26.74 -5.20
C LEU A 89 -0.09 27.50 -6.40
N GLU A 90 -0.69 28.63 -6.74
CA GLU A 90 -0.23 29.52 -7.85
C GLU A 90 1.20 30.01 -7.62
N GLU A 91 1.58 30.22 -6.35
CA GLU A 91 2.93 30.69 -5.95
C GLU A 91 3.99 29.66 -6.40
N GLU A 92 3.61 28.40 -6.59
CA GLU A 92 4.56 27.35 -7.05
C GLU A 92 4.93 27.62 -8.51
N LEU A 93 4.02 28.18 -9.29
CA LEU A 93 4.25 28.56 -10.71
C LEU A 93 5.29 29.69 -10.80
N THR A 94 5.16 30.67 -9.91
CA THR A 94 6.09 31.83 -9.76
C THR A 94 7.50 31.29 -9.45
N LYS A 95 7.62 30.43 -8.44
CA LYS A 95 8.94 29.92 -8.00
C LYS A 95 9.58 29.03 -9.07
N ALA A 96 8.79 28.31 -9.85
CA ALA A 96 9.34 27.43 -10.92
C ALA A 96 9.85 28.29 -12.09
N ARG A 97 9.29 29.48 -12.28
CA ARG A 97 9.71 30.43 -13.33
C ARG A 97 10.99 31.16 -12.94
N GLU A 98 11.02 31.69 -11.73
CA GLU A 98 12.11 32.59 -11.26
C GLU A 98 13.28 31.79 -10.68
N ARG A 99 13.03 30.57 -10.22
CA ARG A 99 14.02 29.83 -9.39
C ARG A 99 13.62 28.36 -9.27
N PRO A 100 13.54 27.62 -10.40
CA PRO A 100 13.01 26.26 -10.37
C PRO A 100 13.87 25.30 -9.54
N LYS A 101 13.20 24.50 -8.73
CA LYS A 101 13.75 23.35 -7.98
C LYS A 101 13.54 22.09 -8.83
N LEU A 102 14.53 21.71 -9.62
CA LEU A 102 14.40 20.50 -10.47
C LEU A 102 14.28 19.28 -9.54
N ARG A 103 13.12 18.62 -9.60
CA ARG A 103 12.78 17.44 -8.78
C ARG A 103 13.08 16.19 -9.62
N LYS A 104 14.09 15.41 -9.25
CA LYS A 104 14.51 14.21 -10.03
C LYS A 104 13.57 13.04 -9.69
N ASP A 105 13.04 12.99 -8.46
CA ASP A 105 12.05 11.96 -8.03
C ASP A 105 10.83 12.02 -8.97
N MET A 106 10.28 13.22 -9.20
CA MET A 106 9.04 13.40 -9.98
C MET A 106 9.28 12.96 -11.43
N TYR A 107 10.50 13.17 -11.97
CA TYR A 107 10.89 12.69 -13.32
C TYR A 107 10.70 11.18 -13.42
N LYS A 108 11.12 10.41 -12.41
CA LYS A 108 11.18 8.92 -12.50
C LYS A 108 9.77 8.34 -12.64
N LYS A 109 8.85 8.76 -11.77
CA LYS A 109 7.44 8.27 -11.78
C LYS A 109 6.82 8.57 -13.15
N MET A 110 7.01 9.80 -13.62
CA MET A 110 6.46 10.26 -14.90
C MET A 110 6.93 9.33 -16.03
N LEU A 111 8.24 9.05 -16.09
CA LEU A 111 8.80 8.13 -17.12
C LEU A 111 8.09 6.78 -17.02
N ALA A 112 8.11 6.19 -15.81
CA ALA A 112 7.39 4.95 -15.43
C ALA A 112 6.02 4.90 -16.12
N VAL A 113 5.16 5.91 -15.90
CA VAL A 113 3.75 5.89 -16.36
C VAL A 113 3.71 6.16 -17.88
N ASP A 114 4.43 7.17 -18.37
CA ASP A 114 4.47 7.50 -19.82
C ASP A 114 5.89 7.88 -20.24
N PRO A 115 6.56 7.06 -21.08
CA PRO A 115 7.91 7.38 -21.55
C PRO A 115 7.95 8.65 -22.41
N GLU A 116 6.93 8.91 -23.23
CA GLU A 116 6.87 10.09 -24.16
C GLU A 116 6.39 11.36 -23.43
N ALA A 117 6.11 11.30 -22.12
CA ALA A 117 5.47 12.43 -21.39
C ALA A 117 6.49 13.56 -21.16
N PRO A 118 7.66 13.29 -20.54
CA PRO A 118 8.71 14.29 -20.41
C PRO A 118 9.20 14.85 -21.75
N THR A 119 9.55 16.14 -21.76
CA THR A 119 10.16 16.87 -22.90
C THR A 119 11.59 16.39 -23.12
N GLU A 120 12.12 16.63 -24.33
CA GLU A 120 13.55 16.42 -24.67
C GLU A 120 14.41 17.03 -23.55
N GLU A 121 14.06 18.23 -23.07
CA GLU A 121 14.88 18.97 -22.06
C GLU A 121 14.72 18.34 -20.68
N GLU A 122 13.50 17.89 -20.35
CA GLU A 122 13.26 17.21 -19.06
C GLU A 122 14.08 15.91 -19.01
N HIS A 123 14.05 15.12 -20.08
CA HIS A 123 14.90 13.92 -20.28
C HIS A 123 16.38 14.29 -20.04
N ALA A 124 16.87 15.34 -20.71
CA ALA A 124 18.27 15.81 -20.57
C ALA A 124 18.55 16.26 -19.13
N GLN A 125 17.58 16.88 -18.44
CA GLN A 125 17.74 17.25 -17.00
C GLN A 125 17.59 16.00 -16.10
N ARG A 126 16.95 14.94 -16.61
CA ARG A 126 16.42 13.82 -15.77
C ARG A 126 15.55 14.38 -14.64
N ALA A 127 14.82 15.48 -14.85
CA ALA A 127 14.13 16.21 -13.75
C ALA A 127 13.04 17.15 -14.27
N VAL A 128 12.05 17.45 -13.42
CA VAL A 128 10.90 18.32 -13.77
C VAL A 128 10.62 19.25 -12.59
N THR A 129 9.87 20.32 -12.82
CA THR A 129 9.40 21.24 -11.77
C THR A 129 8.17 20.60 -11.09
N LYS A 130 7.84 21.01 -9.87
CA LYS A 130 6.65 20.46 -9.15
C LYS A 130 5.38 20.76 -9.96
N PRO A 131 5.09 22.03 -10.32
CA PRO A 131 3.86 22.36 -11.07
C PRO A 131 3.70 21.48 -12.31
N ARG A 132 4.79 21.20 -13.02
CA ARG A 132 4.73 20.41 -14.26
C ARG A 132 4.33 18.98 -13.90
N TYR A 133 4.94 18.39 -12.88
CA TYR A 133 4.65 17.03 -12.40
C TYR A 133 3.18 16.97 -11.95
N MET A 134 2.77 17.98 -11.18
CA MET A 134 1.40 18.06 -10.58
C MET A 134 0.37 18.20 -11.70
N GLN A 135 0.64 19.01 -12.75
CA GLN A 135 -0.27 19.21 -13.90
C GLN A 135 -0.40 17.91 -14.72
N TRP A 136 0.70 17.24 -14.96
CA TRP A 136 0.67 15.94 -15.66
C TRP A 136 -0.22 14.93 -14.87
N ARG A 137 0.01 14.79 -13.56
CA ARG A 137 -0.76 13.87 -12.64
C ARG A 137 -2.25 14.20 -12.73
N GLU A 138 -2.59 15.49 -12.83
CA GLU A 138 -3.99 15.95 -12.90
C GLU A 138 -4.62 15.44 -14.19
N GLY A 139 -3.87 15.37 -15.29
CA GLY A 139 -4.40 15.10 -16.64
C GLY A 139 -4.56 13.61 -16.90
N ILE A 140 -3.74 12.77 -16.28
CA ILE A 140 -3.82 11.31 -16.54
C ILE A 140 -4.82 10.70 -15.54
N SER A 141 -5.07 11.38 -14.42
CA SER A 141 -6.16 11.02 -13.47
C SER A 141 -7.41 11.83 -13.80
N SER A 142 -8.41 11.76 -12.92
CA SER A 142 -9.72 12.42 -13.11
C SER A 142 -9.63 13.88 -12.66
N SER A 143 -8.51 14.33 -12.10
CA SER A 143 -8.48 15.68 -11.48
C SER A 143 -8.92 16.73 -12.51
N THR A 144 -8.26 16.79 -13.67
CA THR A 144 -8.49 17.91 -14.62
C THR A 144 -9.96 17.94 -15.05
N THR A 145 -10.55 16.79 -15.40
CA THR A 145 -11.87 16.71 -16.08
C THR A 145 -13.04 16.66 -15.08
N LEU A 146 -12.88 15.98 -13.93
CA LEU A 146 -13.95 15.76 -12.91
C LEU A 146 -13.71 16.60 -11.65
N GLY A 147 -12.49 17.09 -11.41
CA GLY A 147 -12.19 17.95 -10.25
C GLY A 147 -12.02 17.17 -8.97
N PHE A 148 -11.74 15.88 -9.05
CA PHE A 148 -11.25 15.08 -7.91
C PHE A 148 -10.51 13.86 -8.44
N ARG A 149 -9.80 13.16 -7.56
CA ARG A 149 -9.22 11.86 -7.93
C ARG A 149 -9.17 10.98 -6.69
N ILE A 150 -9.31 9.69 -6.93
CA ILE A 150 -9.06 8.67 -5.88
C ILE A 150 -7.55 8.57 -5.67
N GLU A 151 -7.10 8.67 -4.42
CA GLU A 151 -5.67 8.53 -4.06
C GLU A 151 -5.37 7.13 -3.54
N GLY A 152 -6.27 6.57 -2.72
CA GLY A 152 -5.94 5.34 -1.99
C GLY A 152 -7.12 4.73 -1.27
N ILE A 153 -7.04 3.43 -1.05
CA ILE A 153 -7.99 2.67 -0.20
C ILE A 153 -7.15 1.90 0.83
N LYS A 154 -7.60 1.91 2.08
CA LYS A 154 -6.95 1.20 3.21
C LYS A 154 -8.03 0.35 3.87
N LYS A 155 -7.63 -0.77 4.45
CA LYS A 155 -8.55 -1.64 5.22
C LYS A 155 -7.82 -1.98 6.51
N ALA A 156 -8.59 -2.30 7.56
CA ALA A 156 -8.12 -2.36 8.96
C ALA A 156 -7.17 -3.56 9.18
N ASP A 157 -7.01 -4.47 8.22
CA ASP A 157 -6.03 -5.61 8.31
C ASP A 157 -4.59 -5.12 8.05
N GLY A 158 -4.45 -3.93 7.46
CA GLY A 158 -3.15 -3.37 7.02
C GLY A 158 -3.09 -3.26 5.50
N SER A 159 -4.00 -3.95 4.79
CA SER A 159 -4.22 -3.95 3.32
C SER A 159 -4.33 -2.49 2.81
N CYS A 160 -3.77 -2.21 1.64
CA CYS A 160 -3.83 -0.85 1.05
C CYS A 160 -3.60 -0.93 -0.47
N SER A 161 -4.17 0.02 -1.19
CA SER A 161 -3.83 0.28 -2.62
C SER A 161 -3.76 1.77 -2.87
N THR A 162 -2.72 2.20 -3.58
CA THR A 162 -2.57 3.56 -4.13
C THR A 162 -2.47 3.50 -5.65
N ASP A 163 -2.87 2.36 -6.23
CA ASP A 163 -2.70 2.07 -7.68
C ASP A 163 -3.82 2.73 -8.47
N PHE A 164 -3.94 4.07 -8.42
CA PHE A 164 -5.06 4.79 -9.08
C PHE A 164 -4.61 5.95 -9.98
N LYS A 165 -3.32 6.04 -10.32
N LYS A 165 -3.33 6.04 -10.32
CA LYS A 165 -2.78 7.24 -11.03
CA LYS A 165 -2.76 7.21 -11.04
C LYS A 165 -3.39 7.39 -12.43
C LYS A 165 -3.38 7.38 -12.43
N THR A 166 -3.90 6.32 -13.06
CA THR A 166 -4.53 6.43 -14.42
C THR A 166 -6.04 6.17 -14.36
N THR A 167 -6.64 6.29 -13.19
CA THR A 167 -8.11 6.21 -13.01
C THR A 167 -8.64 7.59 -13.37
N ARG A 168 -9.28 7.71 -14.54
CA ARG A 168 -9.61 9.02 -15.15
C ARG A 168 -11.09 9.11 -15.56
N SER A 169 -11.65 8.11 -16.23
CA SER A 169 -13.02 8.24 -16.79
C SER A 169 -14.06 8.17 -15.66
N ARG A 170 -15.22 8.71 -15.92
CA ARG A 170 -16.35 8.69 -14.96
C ARG A 170 -16.65 7.24 -14.55
N GLU A 171 -16.70 6.34 -15.53
CA GLU A 171 -17.02 4.92 -15.29
C GLU A 171 -15.90 4.21 -14.52
N GLN A 172 -14.62 4.52 -14.80
CA GLN A 172 -13.45 3.95 -14.07
C GLN A 172 -13.58 4.31 -12.58
N VAL A 173 -13.89 5.56 -12.30
CA VAL A 173 -14.05 6.07 -10.91
C VAL A 173 -15.24 5.36 -10.26
N LEU A 174 -16.35 5.25 -10.98
CA LEU A 174 -17.54 4.54 -10.45
C LEU A 174 -17.16 3.10 -10.06
N ARG A 175 -16.35 2.42 -10.87
CA ARG A 175 -15.99 0.98 -10.60
C ARG A 175 -15.11 0.88 -9.36
N VAL A 176 -14.27 1.86 -9.07
CA VAL A 176 -13.53 1.86 -7.78
C VAL A 176 -14.51 2.01 -6.60
N PHE A 177 -15.47 2.93 -6.65
CA PHE A 177 -16.45 3.10 -5.54
C PHE A 177 -17.33 1.86 -5.41
N GLU A 178 -17.77 1.29 -6.54
CA GLU A 178 -18.49 -0.01 -6.59
C GLU A 178 -17.74 -1.08 -5.81
N GLU A 179 -16.46 -1.27 -6.08
CA GLU A 179 -15.64 -2.29 -5.38
C GLU A 179 -15.44 -1.91 -3.91
N PHE A 180 -15.25 -0.63 -3.61
CA PHE A 180 -15.06 -0.12 -2.23
C PHE A 180 -16.29 -0.41 -1.34
N VAL A 181 -17.49 -0.19 -1.82
CA VAL A 181 -18.71 -0.35 -0.95
C VAL A 181 -19.20 -1.81 -0.97
N GLN A 182 -18.82 -2.59 -1.99
CA GLN A 182 -19.05 -4.07 -2.05
C GLN A 182 -20.55 -4.35 -1.89
N GLY A 183 -21.42 -3.64 -2.61
CA GLY A 183 -22.87 -3.89 -2.62
C GLY A 183 -23.59 -3.54 -1.31
N ASP A 184 -22.97 -2.77 -0.39
CA ASP A 184 -23.66 -2.33 0.85
C ASP A 184 -24.51 -1.09 0.51
N GLU A 185 -25.80 -1.29 0.21
CA GLU A 185 -26.74 -0.21 -0.18
C GLU A 185 -26.84 0.83 0.95
N GLU A 186 -26.73 0.41 2.22
CA GLU A 186 -26.92 1.33 3.37
C GLU A 186 -25.71 2.27 3.46
N VAL A 187 -24.50 1.73 3.34
CA VAL A 187 -23.26 2.54 3.34
C VAL A 187 -23.36 3.56 2.20
N LEU A 188 -23.70 3.11 1.00
CA LEU A 188 -23.77 4.02 -0.16
C LEU A 188 -24.79 5.13 0.11
N ARG A 189 -25.96 4.78 0.62
CA ARG A 189 -27.03 5.78 0.88
C ARG A 189 -26.51 6.78 1.92
N ARG A 190 -25.86 6.29 2.97
CA ARG A 190 -25.30 7.15 4.04
C ARG A 190 -24.19 8.06 3.48
N TYR A 191 -23.30 7.53 2.64
CA TYR A 191 -22.30 8.37 1.94
C TYR A 191 -23.02 9.49 1.17
N LEU A 192 -24.03 9.17 0.39
CA LEU A 192 -24.65 10.22 -0.46
C LEU A 192 -25.34 11.27 0.40
N ASN A 193 -26.00 10.85 1.47
CA ASN A 193 -26.68 11.79 2.40
C ASN A 193 -25.63 12.71 3.01
N ARG A 194 -24.48 12.15 3.40
CA ARG A 194 -23.40 12.96 4.03
C ARG A 194 -22.84 13.92 2.98
N LEU A 195 -22.62 13.50 1.73
CA LEU A 195 -22.02 14.41 0.72
C LEU A 195 -22.99 15.54 0.39
N GLN A 196 -24.29 15.25 0.26
CA GLN A 196 -25.31 16.30 0.01
C GLN A 196 -25.24 17.35 1.12
N GLN A 197 -25.15 16.92 2.39
CA GLN A 197 -25.16 17.82 3.59
C GLN A 197 -23.82 18.58 3.64
N ILE A 198 -22.71 17.95 3.27
CA ILE A 198 -21.40 18.65 3.12
C ILE A 198 -21.52 19.71 2.03
N ARG A 199 -22.03 19.38 0.84
CA ARG A 199 -22.13 20.41 -0.23
C ARG A 199 -22.91 21.63 0.31
N ASP A 200 -24.04 21.41 0.97
CA ASP A 200 -24.90 22.49 1.53
C ASP A 200 -24.07 23.35 2.49
N THR A 201 -23.28 22.73 3.36
CA THR A 201 -22.43 23.42 4.36
C THR A 201 -21.35 24.23 3.66
N LEU A 202 -20.67 23.65 2.67
CA LEU A 202 -19.62 24.38 1.93
C LEU A 202 -20.22 25.62 1.26
N GLU A 203 -21.40 25.51 0.68
CA GLU A 203 -22.01 26.60 -0.12
C GLU A 203 -22.39 27.80 0.78
N VAL A 204 -22.50 27.63 2.09
CA VAL A 204 -22.83 28.77 3.00
C VAL A 204 -21.65 29.06 3.94
N SER A 205 -20.54 28.32 3.84
CA SER A 205 -19.37 28.46 4.75
C SER A 205 -18.66 29.79 4.49
N GLU A 206 -18.44 30.56 5.56
CA GLU A 206 -17.66 31.83 5.51
C GLU A 206 -16.21 31.49 5.21
N PHE A 207 -15.65 30.52 5.94
CA PHE A 207 -14.30 29.97 5.68
C PHE A 207 -14.17 29.61 4.20
N PHE A 208 -15.08 28.82 3.64
CA PHE A 208 -14.89 28.24 2.29
C PHE A 208 -14.88 29.33 1.19
N ARG A 209 -15.73 30.35 1.29
CA ARG A 209 -15.81 31.41 0.26
C ARG A 209 -14.55 32.29 0.34
N ARG A 210 -13.86 32.33 1.50
CA ARG A 210 -12.68 33.21 1.74
C ARG A 210 -11.35 32.45 1.58
N HIS A 211 -11.36 31.18 1.19
CA HIS A 211 -10.10 30.39 1.12
C HIS A 211 -10.02 29.57 -0.16
N GLU A 212 -8.80 29.47 -0.64
CA GLU A 212 -8.38 28.62 -1.75
C GLU A 212 -8.02 27.27 -1.13
N VAL A 213 -8.77 26.23 -1.48
CA VAL A 213 -8.63 24.90 -0.84
C VAL A 213 -7.93 23.98 -1.83
N ILE A 214 -6.63 23.81 -1.64
CA ILE A 214 -5.75 23.02 -2.55
C ILE A 214 -5.18 21.86 -1.74
N GLY A 215 -5.12 20.67 -2.33
CA GLY A 215 -4.42 19.52 -1.72
C GLY A 215 -5.19 18.88 -0.56
N SER A 216 -6.47 19.24 -0.36
CA SER A 216 -7.32 18.66 0.71
C SER A 216 -8.01 17.41 0.16
N SER A 217 -8.53 16.58 1.03
CA SER A 217 -9.17 15.31 0.66
C SER A 217 -10.54 15.22 1.31
N LEU A 218 -11.40 14.38 0.74
CA LEU A 218 -12.57 13.81 1.42
C LEU A 218 -12.15 12.41 1.82
N LEU A 219 -12.27 12.11 3.11
CA LEU A 219 -12.01 10.77 3.63
C LEU A 219 -13.36 10.06 3.84
N PHE A 220 -13.59 9.00 3.07
CA PHE A 220 -14.76 8.10 3.24
C PHE A 220 -14.36 6.95 4.17
N VAL A 221 -15.17 6.67 5.18
CA VAL A 221 -14.91 5.62 6.20
C VAL A 221 -16.18 4.80 6.41
N HIS A 222 -16.11 3.47 6.27
CA HIS A 222 -17.28 2.60 6.56
C HIS A 222 -16.83 1.30 7.19
N ASP A 223 -17.77 0.58 7.80
CA ASP A 223 -17.46 -0.74 8.39
C ASP A 223 -18.60 -1.73 8.04
N HIS A 224 -18.46 -2.96 8.51
CA HIS A 224 -19.34 -4.09 8.13
C HIS A 224 -20.67 -3.95 8.88
N CYS A 225 -20.71 -3.13 9.95
CA CYS A 225 -21.96 -2.76 10.69
C CYS A 225 -22.73 -1.65 9.98
N HIS A 226 -22.24 -1.20 8.83
CA HIS A 226 -22.92 -0.27 7.88
C HIS A 226 -22.78 1.20 8.34
N ARG A 227 -21.95 1.44 9.35
N ARG A 227 -21.95 1.44 9.36
CA ARG A 227 -21.54 2.81 9.79
CA ARG A 227 -21.56 2.81 9.78
C ARG A 227 -20.76 3.44 8.63
C ARG A 227 -20.77 3.44 8.62
N ALA A 228 -21.02 4.72 8.34
CA ALA A 228 -20.42 5.43 7.20
C ALA A 228 -20.29 6.90 7.58
N GLY A 229 -19.15 7.49 7.26
CA GLY A 229 -18.84 8.89 7.56
C GLY A 229 -17.98 9.44 6.46
N VAL A 230 -18.03 10.75 6.27
CA VAL A 230 -17.14 11.44 5.32
C VAL A 230 -16.68 12.72 6.01
N TRP A 231 -15.40 13.01 5.92
CA TRP A 231 -14.85 14.28 6.47
C TRP A 231 -13.88 14.89 5.46
N LEU A 232 -13.75 16.21 5.51
CA LEU A 232 -12.69 16.95 4.81
C LEU A 232 -11.46 16.86 5.70
N ILE A 233 -10.31 16.60 5.10
CA ILE A 233 -9.02 16.59 5.84
C ILE A 233 -7.94 17.27 4.99
N ASP A 234 -6.86 17.63 5.68
CA ASP A 234 -5.58 18.10 5.08
C ASP A 234 -5.72 19.53 4.56
N PHE A 235 -5.51 20.47 5.48
CA PHE A 235 -5.61 21.93 5.22
C PHE A 235 -4.20 22.53 5.15
N GLY A 236 -3.19 21.71 4.85
CA GLY A 236 -1.78 22.13 4.68
C GLY A 236 -1.57 23.11 3.56
N LYS A 237 -2.43 23.15 2.54
CA LYS A 237 -2.27 24.08 1.39
C LYS A 237 -3.53 24.93 1.20
N THR A 238 -4.31 25.15 2.25
CA THR A 238 -5.54 25.96 2.19
C THR A 238 -5.17 27.37 2.65
N THR A 239 -5.28 28.37 1.77
CA THR A 239 -4.77 29.73 2.04
C THR A 239 -5.86 30.77 1.89
N PRO A 240 -5.90 31.76 2.81
CA PRO A 240 -6.91 32.82 2.76
C PRO A 240 -6.69 33.72 1.55
N LEU A 241 -7.77 34.16 0.92
CA LEU A 241 -7.73 35.14 -0.19
C LEU A 241 -7.46 36.52 0.39
N PRO A 242 -6.84 37.43 -0.40
CA PRO A 242 -6.52 38.77 0.09
C PRO A 242 -7.77 39.67 0.11
N ASP A 243 -7.66 40.78 0.85
CA ASP A 243 -8.60 41.95 0.86
C ASP A 243 -10.03 41.49 0.60
N GLY A 244 -10.55 40.56 1.40
CA GLY A 244 -11.96 40.11 1.31
C GLY A 244 -12.37 39.75 -0.11
N GLN A 245 -11.50 39.06 -0.87
CA GLN A 245 -11.85 38.51 -2.21
C GLN A 245 -12.48 37.13 -1.97
N ILE A 246 -13.37 36.64 -2.84
CA ILE A 246 -14.05 35.33 -2.61
C ILE A 246 -13.95 34.47 -3.88
N LEU A 247 -14.10 33.14 -3.72
CA LEU A 247 -14.15 32.20 -4.86
C LEU A 247 -15.55 31.59 -4.97
N ASP A 248 -15.94 31.15 -6.17
CA ASP A 248 -17.20 30.38 -6.37
C ASP A 248 -16.90 28.86 -6.34
N HIS A 249 -15.64 28.45 -6.51
CA HIS A 249 -15.17 27.04 -6.41
C HIS A 249 -15.79 26.15 -7.50
N ARG A 250 -16.36 26.72 -8.57
CA ARG A 250 -16.87 25.92 -9.70
C ARG A 250 -16.22 26.37 -11.01
N ARG A 251 -15.94 27.66 -11.16
CA ARG A 251 -15.49 28.19 -12.47
C ARG A 251 -14.06 27.71 -12.74
N PRO A 252 -13.66 27.62 -14.02
CA PRO A 252 -12.33 27.14 -14.41
C PRO A 252 -11.17 27.93 -13.80
N TRP A 253 -10.04 27.26 -13.55
CA TRP A 253 -8.82 27.90 -13.03
C TRP A 253 -8.06 28.55 -14.18
N GLU A 254 -7.73 29.83 -14.04
CA GLU A 254 -6.82 30.63 -14.89
C GLU A 254 -5.90 31.43 -13.97
N GLU A 255 -4.59 31.21 -14.09
CA GLU A 255 -3.55 31.80 -13.21
C GLU A 255 -3.92 33.26 -12.90
N GLY A 256 -3.95 33.61 -11.62
CA GLY A 256 -4.44 34.92 -11.13
C GLY A 256 -5.77 34.81 -10.42
N ASN A 257 -6.69 33.95 -10.86
CA ASN A 257 -8.08 33.89 -10.29
C ASN A 257 -8.16 32.93 -9.06
N ARG A 258 -7.15 32.09 -8.81
CA ARG A 258 -7.02 31.29 -7.55
C ARG A 258 -8.17 30.29 -7.39
N GLU A 259 -8.92 30.02 -8.45
CA GLU A 259 -10.06 29.07 -8.42
C GLU A 259 -9.48 27.64 -8.29
N ASP A 260 -10.15 26.77 -7.55
CA ASP A 260 -9.66 25.40 -7.22
C ASP A 260 -10.59 24.32 -7.78
N GLY A 261 -11.76 24.70 -8.33
CA GLY A 261 -12.78 23.77 -8.83
C GLY A 261 -13.26 22.76 -7.76
N TYR A 262 -13.15 23.10 -6.49
CA TYR A 262 -13.51 22.18 -5.37
C TYR A 262 -14.96 21.67 -5.54
N LEU A 263 -15.91 22.55 -5.87
CA LEU A 263 -17.34 22.15 -5.87
C LEU A 263 -17.69 21.50 -7.20
N LEU A 264 -16.93 21.79 -8.26
CA LEU A 264 -17.03 21.02 -9.51
C LEU A 264 -16.76 19.56 -9.18
N GLY A 265 -15.68 19.28 -8.43
CA GLY A 265 -15.34 17.93 -7.98
C GLY A 265 -16.46 17.31 -7.17
N LEU A 266 -16.97 18.05 -6.19
CA LEU A 266 -17.97 17.50 -5.26
C LEU A 266 -19.27 17.19 -6.03
N ASP A 267 -19.67 18.09 -6.93
CA ASP A 267 -20.86 17.93 -7.82
C ASP A 267 -20.70 16.61 -8.59
N ASN A 268 -19.52 16.40 -9.19
CA ASN A 268 -19.24 15.22 -10.05
C ASN A 268 -19.21 13.99 -9.16
N LEU A 269 -18.61 14.11 -7.98
CA LEU A 269 -18.51 12.96 -7.05
C LEU A 269 -19.91 12.52 -6.59
N ILE A 270 -20.77 13.49 -6.27
CA ILE A 270 -22.18 13.19 -5.87
C ILE A 270 -22.89 12.50 -7.03
N GLY A 271 -22.71 12.97 -8.28
CA GLY A 271 -23.39 12.42 -9.47
C GLY A 271 -23.02 10.97 -9.72
N ILE A 272 -21.75 10.63 -9.46
CA ILE A 272 -21.20 9.27 -9.70
C ILE A 272 -21.79 8.33 -8.64
N LEU A 273 -21.84 8.78 -7.40
CA LEU A 273 -22.40 7.96 -6.29
C LEU A 273 -23.90 7.79 -6.49
N ALA A 274 -24.63 8.82 -6.86
CA ALA A 274 -26.08 8.71 -7.20
C ALA A 274 -26.27 7.77 -8.39
N SER A 275 -25.39 7.79 -9.40
CA SER A 275 -25.42 6.84 -10.54
C SER A 275 -25.20 5.41 -10.05
N LEU A 276 -24.19 5.21 -9.22
CA LEU A 276 -23.87 3.88 -8.66
C LEU A 276 -25.10 3.36 -7.91
N ALA A 277 -25.80 4.22 -7.17
CA ALA A 277 -26.92 3.80 -6.29
C ALA A 277 -28.07 3.27 -7.14
N GLU A 278 -28.20 3.72 -8.39
CA GLU A 278 -29.29 3.30 -9.32
C GLU A 278 -28.89 2.06 -10.14
N ARG A 279 -27.64 1.58 -10.07
CA ARG A 279 -27.19 0.34 -10.75
C ARG A 279 -27.82 -0.86 -10.04
N GLY B 1 16.23 1.13 -8.15
CA GLY B 1 17.45 1.74 -7.63
C GLY B 1 17.75 1.28 -6.20
N SER B 2 16.80 1.47 -5.28
CA SER B 2 17.01 1.33 -3.81
C SER B 2 15.68 0.97 -3.12
N HIS B 3 15.67 -0.01 -2.21
CA HIS B 3 14.46 -0.34 -1.41
C HIS B 3 14.11 0.83 -0.47
N MET B 4 15.09 1.40 0.24
CA MET B 4 14.91 2.48 1.26
C MET B 4 14.34 3.75 0.62
N SER B 5 14.58 3.99 -0.68
CA SER B 5 13.91 5.07 -1.44
C SER B 5 12.40 4.81 -1.45
N TRP B 6 11.97 3.60 -1.85
CA TRP B 6 10.52 3.24 -1.85
C TRP B 6 9.94 3.48 -0.45
N VAL B 7 10.61 2.95 0.58
CA VAL B 7 10.18 3.04 2.01
C VAL B 7 9.94 4.51 2.34
N GLN B 8 10.90 5.38 2.01
CA GLN B 8 10.82 6.85 2.24
C GLN B 8 9.67 7.45 1.43
N LEU B 9 9.56 7.13 0.13
CA LEU B 9 8.44 7.62 -0.73
C LEU B 9 7.16 6.84 -0.39
N GLY B 14 9.87 -1.48 8.80
CA GLY B 14 10.32 -1.50 10.20
C GLY B 14 11.53 -2.41 10.45
N SER B 15 11.73 -3.43 9.60
CA SER B 15 12.83 -4.42 9.75
C SER B 15 14.10 -3.95 9.02
N PHE B 16 13.99 -2.98 8.10
CA PHE B 16 15.09 -2.58 7.18
C PHE B 16 15.59 -1.17 7.51
N LYS B 17 16.91 -0.99 7.55
CA LYS B 17 17.59 0.33 7.65
C LYS B 17 18.55 0.52 6.46
N ALA B 18 18.75 1.76 6.02
CA ALA B 18 19.76 2.12 4.99
C ALA B 18 21.14 1.67 5.49
N ALA B 19 21.98 1.18 4.58
CA ALA B 19 23.38 0.74 4.86
C ALA B 19 24.30 1.93 4.61
N GLY B 20 25.51 1.91 5.18
CA GLY B 20 26.56 2.91 4.88
C GLY B 20 26.97 2.82 3.42
N THR B 21 27.19 1.60 2.93
CA THR B 21 27.74 1.29 1.59
C THR B 21 26.65 1.34 0.52
N SER B 22 27.03 1.82 -0.67
CA SER B 22 26.21 1.78 -1.91
C SER B 22 25.88 0.31 -2.25
N GLY B 23 24.63 0.05 -2.63
CA GLY B 23 24.17 -1.27 -3.13
C GLY B 23 23.84 -2.24 -2.01
N LEU B 24 23.92 -1.80 -0.75
CA LEU B 24 23.62 -2.67 0.42
C LEU B 24 22.38 -2.14 1.15
N ILE B 25 21.82 -3.00 2.00
CA ILE B 25 20.65 -2.70 2.88
C ILE B 25 20.81 -3.56 4.13
N LEU B 26 20.27 -3.09 5.25
CA LEU B 26 20.41 -3.75 6.57
C LEU B 26 19.04 -4.31 6.93
N LYS B 27 19.01 -5.50 7.53
CA LYS B 27 17.78 -6.15 8.04
C LYS B 27 18.06 -6.58 9.46
N ARG B 28 17.18 -6.21 10.38
CA ARG B 28 17.32 -6.61 11.80
C ARG B 28 17.66 -8.09 11.80
N CYS B 29 18.78 -8.44 12.43
CA CYS B 29 19.30 -9.84 12.49
C CYS B 29 18.42 -10.68 13.41
N SER B 30 18.01 -11.86 12.94
CA SER B 30 17.41 -12.97 13.71
C SER B 30 18.26 -14.22 13.47
N GLU B 31 18.42 -15.09 14.46
CA GLU B 31 19.42 -16.19 14.42
C GLU B 31 19.06 -17.19 13.33
N PRO B 32 17.76 -17.57 13.16
CA PRO B 32 17.39 -18.50 12.10
C PRO B 32 17.82 -17.94 10.74
N GLU B 33 17.52 -16.67 10.48
CA GLU B 33 17.82 -16.05 9.17
C GLU B 33 19.34 -15.97 8.96
N ARG B 34 20.14 -15.61 9.97
CA ARG B 34 21.62 -15.50 9.83
C ARG B 34 22.20 -16.89 9.54
N TYR B 35 21.74 -17.90 10.27
CA TYR B 35 22.14 -19.32 10.08
C TYR B 35 21.92 -19.68 8.61
N CYS B 36 20.74 -19.39 8.07
CA CYS B 36 20.35 -19.78 6.68
C CYS B 36 21.25 -19.05 5.67
N LEU B 37 21.36 -17.73 5.78
CA LEU B 37 22.07 -16.90 4.77
C LEU B 37 23.55 -17.29 4.75
N ALA B 38 24.13 -17.66 5.90
CA ALA B 38 25.54 -18.11 5.98
C ALA B 38 25.67 -19.43 5.22
N ARG B 39 24.75 -20.37 5.42
CA ARG B 39 24.75 -21.64 4.65
C ARG B 39 24.52 -21.37 3.16
N LEU B 40 23.63 -20.45 2.82
CA LEU B 40 23.23 -20.24 1.39
C LEU B 40 24.41 -19.66 0.60
N MET B 41 25.30 -18.89 1.22
CA MET B 41 26.46 -18.33 0.47
C MET B 41 27.39 -19.47 0.02
N ALA B 42 27.31 -20.63 0.68
CA ALA B 42 28.17 -21.80 0.39
C ALA B 42 27.38 -22.90 -0.36
N ASP B 43 26.18 -22.60 -0.86
CA ASP B 43 25.26 -23.61 -1.44
C ASP B 43 25.07 -23.31 -2.93
N ALA B 44 24.55 -24.30 -3.66
CA ALA B 44 24.05 -24.15 -5.03
C ALA B 44 23.16 -22.88 -5.16
N LEU B 45 22.37 -22.53 -4.14
CA LEU B 45 21.41 -21.39 -4.20
C LEU B 45 22.07 -20.03 -3.99
N ARG B 46 23.40 -19.99 -3.91
CA ARG B 46 24.15 -18.74 -3.67
C ARG B 46 23.62 -17.62 -4.57
N GLY B 47 23.50 -17.85 -5.88
CA GLY B 47 23.12 -16.81 -6.86
C GLY B 47 21.61 -16.51 -6.87
N CYS B 48 20.82 -17.27 -6.12
CA CYS B 48 19.34 -17.18 -6.11
C CYS B 48 18.84 -16.39 -4.91
N VAL B 49 19.76 -15.95 -4.05
CA VAL B 49 19.42 -15.22 -2.78
C VAL B 49 20.29 -13.97 -2.75
N PRO B 50 19.88 -12.94 -1.96
CA PRO B 50 20.67 -11.71 -1.83
C PRO B 50 22.01 -12.04 -1.20
N ALA B 51 23.10 -11.46 -1.71
CA ALA B 51 24.44 -11.63 -1.09
C ALA B 51 24.32 -11.23 0.38
N PHE B 52 24.88 -12.04 1.28
CA PHE B 52 24.95 -11.77 2.74
C PHE B 52 26.41 -11.54 3.10
N HIS B 53 26.72 -10.39 3.69
CA HIS B 53 28.11 -9.91 3.90
C HIS B 53 28.55 -10.03 5.36
N GLY B 54 27.67 -10.52 6.24
CA GLY B 54 27.93 -10.60 7.69
C GLY B 54 27.01 -9.70 8.50
N VAL B 55 27.18 -9.75 9.83
CA VAL B 55 26.34 -9.07 10.85
C VAL B 55 27.09 -7.82 11.33
N VAL B 56 26.46 -6.66 11.31
CA VAL B 56 27.05 -5.37 11.76
C VAL B 56 26.19 -4.86 12.91
N GLU B 57 26.83 -4.26 13.93
CA GLU B 57 26.10 -3.53 15.00
C GLU B 57 25.82 -2.11 14.49
N ARG B 58 24.56 -1.66 14.59
CA ARG B 58 24.14 -0.28 14.20
C ARG B 58 23.25 0.30 15.31
N ASP B 59 23.82 1.21 16.10
CA ASP B 59 23.10 2.03 17.11
C ASP B 59 22.39 1.09 18.08
N GLY B 60 23.15 0.19 18.72
CA GLY B 60 22.66 -0.76 19.74
C GLY B 60 22.30 -2.12 19.18
N GLU B 61 21.79 -2.19 17.94
CA GLU B 61 21.11 -3.41 17.39
C GLU B 61 22.00 -4.13 16.37
N SER B 62 21.75 -5.44 16.17
CA SER B 62 22.40 -6.30 15.14
C SER B 62 21.61 -6.23 13.83
N TYR B 63 22.31 -6.09 12.72
CA TYR B 63 21.72 -6.06 11.35
C TYR B 63 22.48 -7.02 10.44
N LEU B 64 21.74 -7.75 9.60
CA LEU B 64 22.31 -8.49 8.44
C LEU B 64 22.67 -7.45 7.40
N GLN B 65 23.89 -7.50 6.86
CA GLN B 65 24.31 -6.69 5.69
C GLN B 65 23.97 -7.45 4.42
N LEU B 66 22.99 -6.97 3.65
CA LEU B 66 22.48 -7.66 2.43
C LEU B 66 22.72 -6.80 1.20
N GLN B 67 22.96 -7.48 0.09
CA GLN B 67 22.76 -6.91 -1.25
C GLN B 67 21.38 -6.24 -1.25
N ASP B 68 21.30 -5.01 -1.75
CA ASP B 68 20.02 -4.37 -2.13
C ASP B 68 19.66 -4.85 -3.53
N LEU B 69 18.64 -5.71 -3.62
CA LEU B 69 18.23 -6.33 -4.92
C LEU B 69 17.70 -5.28 -5.89
N LEU B 70 17.33 -4.07 -5.44
CA LEU B 70 16.82 -3.04 -6.39
C LEU B 70 17.98 -2.25 -7.04
N ASP B 71 19.22 -2.41 -6.56
CA ASP B 71 20.36 -1.57 -7.01
C ASP B 71 20.47 -1.55 -8.54
N GLY B 72 20.49 -2.70 -9.19
CA GLY B 72 20.76 -2.77 -10.64
C GLY B 72 19.67 -2.14 -11.49
N PHE B 73 18.56 -1.64 -10.93
CA PHE B 73 17.33 -1.35 -11.71
C PHE B 73 17.07 0.16 -11.77
N ASP B 74 16.42 0.62 -12.84
CA ASP B 74 16.01 2.04 -13.05
C ASP B 74 14.49 2.16 -12.87
N GLY B 75 14.05 2.53 -11.67
CA GLY B 75 12.62 2.61 -11.29
C GLY B 75 11.98 1.22 -11.30
N PRO B 76 12.42 0.32 -10.41
CA PRO B 76 11.95 -1.06 -10.44
C PRO B 76 10.48 -1.22 -10.00
N CYS B 77 9.75 -2.10 -10.68
CA CYS B 77 8.46 -2.72 -10.23
C CYS B 77 8.78 -4.00 -9.47
N VAL B 78 8.11 -4.25 -8.37
CA VAL B 78 8.45 -5.36 -7.42
C VAL B 78 7.17 -6.11 -7.10
N LEU B 79 7.18 -7.43 -7.23
CA LEU B 79 6.07 -8.31 -6.81
C LEU B 79 6.63 -9.33 -5.83
N ASP B 80 6.02 -9.42 -4.66
CA ASP B 80 6.41 -10.36 -3.59
C ASP B 80 5.41 -11.52 -3.58
N CYS B 81 5.92 -12.74 -3.60
N CYS B 81 5.91 -12.74 -3.80
CA CYS B 81 5.11 -13.96 -3.76
CA CYS B 81 5.15 -14.01 -3.76
C CYS B 81 5.47 -14.92 -2.63
C CYS B 81 5.54 -14.82 -2.52
N LYS B 82 4.60 -15.10 -1.62
CA LYS B 82 4.89 -15.98 -0.47
C LYS B 82 4.77 -17.45 -0.92
N MET B 83 5.82 -18.23 -0.69
CA MET B 83 5.96 -19.62 -1.21
C MET B 83 5.58 -20.65 -0.14
N GLY B 84 4.79 -21.65 -0.54
CA GLY B 84 4.46 -22.83 0.27
C GLY B 84 2.96 -23.02 0.50
N VAL B 85 2.54 -24.26 0.73
CA VAL B 85 1.13 -24.60 1.03
C VAL B 85 0.86 -24.25 2.50
N ARG B 86 1.90 -24.24 3.31
CA ARG B 86 1.83 -23.97 4.76
C ARG B 86 2.76 -22.79 5.08
N THR B 87 2.29 -21.89 5.92
CA THR B 87 2.94 -20.58 6.18
C THR B 87 3.28 -20.38 7.66
N TYR B 88 3.18 -21.43 8.48
CA TYR B 88 3.49 -21.40 9.94
C TYR B 88 4.26 -22.68 10.27
N LEU B 89 5.08 -22.65 11.32
CA LEU B 89 5.79 -23.86 11.84
C LEU B 89 4.79 -24.79 12.53
N GLU B 90 5.03 -26.11 12.50
CA GLU B 90 4.17 -27.14 13.15
C GLU B 90 4.11 -26.92 14.66
N GLU B 91 5.18 -26.36 15.25
CA GLU B 91 5.28 -26.04 16.70
C GLU B 91 4.13 -25.12 17.11
N GLU B 92 3.60 -24.30 16.21
CA GLU B 92 2.43 -23.42 16.47
C GLU B 92 1.18 -24.24 16.82
N LEU B 93 1.03 -25.44 16.26
CA LEU B 93 -0.16 -26.30 16.51
C LEU B 93 -0.06 -26.91 17.90
N THR B 94 1.11 -27.49 18.20
CA THR B 94 1.43 -28.15 19.50
C THR B 94 1.17 -27.15 20.63
N LYS B 95 1.71 -25.94 20.48
CA LYS B 95 1.55 -24.81 21.43
C LYS B 95 0.06 -24.51 21.59
N ALA B 96 -0.66 -24.35 20.48
CA ALA B 96 -2.12 -24.08 20.41
C ALA B 96 -2.92 -25.29 20.90
N ARG B 97 -2.35 -26.50 20.84
CA ARG B 97 -3.07 -27.76 21.17
C ARG B 97 -3.36 -27.84 22.68
N GLU B 98 -2.52 -27.26 23.55
CA GLU B 98 -2.76 -27.30 25.02
C GLU B 98 -3.29 -25.93 25.48
N ARG B 99 -2.42 -25.00 25.89
CA ARG B 99 -2.81 -23.64 26.31
C ARG B 99 -2.62 -22.69 25.13
N PRO B 100 -3.68 -22.40 24.34
CA PRO B 100 -3.53 -21.63 23.11
C PRO B 100 -3.39 -20.13 23.37
N LYS B 101 -2.41 -19.50 22.72
CA LYS B 101 -2.20 -18.02 22.82
C LYS B 101 -3.20 -17.35 21.88
N LEU B 102 -3.96 -16.39 22.40
CA LEU B 102 -5.02 -15.67 21.64
C LEU B 102 -4.42 -14.37 21.11
N ARG B 103 -4.71 -14.06 19.83
CA ARG B 103 -4.14 -12.90 19.10
C ARG B 103 -5.28 -11.93 18.76
N LYS B 104 -5.27 -10.75 19.38
CA LYS B 104 -6.30 -9.70 19.16
C LYS B 104 -6.07 -9.07 17.77
N ASP B 105 -4.81 -8.80 17.43
CA ASP B 105 -4.41 -8.24 16.10
C ASP B 105 -4.92 -9.18 14.99
N MET B 106 -4.70 -10.51 15.09
CA MET B 106 -5.11 -11.45 14.01
C MET B 106 -6.63 -11.55 13.93
N TYR B 107 -7.35 -11.37 15.04
CA TYR B 107 -8.83 -11.26 14.99
C TYR B 107 -9.22 -10.05 14.10
N LYS B 108 -8.62 -8.89 14.35
CA LYS B 108 -8.88 -7.64 13.56
C LYS B 108 -8.64 -7.89 12.07
N LYS B 109 -7.46 -8.43 11.73
CA LYS B 109 -7.04 -8.70 10.33
C LYS B 109 -8.08 -9.59 9.63
N MET B 110 -8.62 -10.59 10.35
CA MET B 110 -9.63 -11.54 9.82
C MET B 110 -10.95 -10.81 9.60
N LEU B 111 -11.42 -10.09 10.62
CA LEU B 111 -12.72 -9.35 10.58
C LEU B 111 -12.76 -8.41 9.37
N ALA B 112 -11.67 -7.69 9.12
CA ALA B 112 -11.54 -6.69 8.03
C ALA B 112 -11.74 -7.37 6.68
N VAL B 113 -11.22 -8.60 6.51
CA VAL B 113 -11.35 -9.34 5.22
C VAL B 113 -12.74 -9.99 5.16
N ASP B 114 -13.14 -10.73 6.20
CA ASP B 114 -14.43 -11.46 6.23
C ASP B 114 -15.00 -11.38 7.65
N PRO B 115 -15.98 -10.47 7.87
CA PRO B 115 -16.61 -10.32 9.17
C PRO B 115 -17.38 -11.60 9.61
N GLU B 116 -17.78 -12.46 8.66
CA GLU B 116 -18.48 -13.74 8.93
C GLU B 116 -17.49 -14.89 9.19
N ALA B 117 -16.18 -14.70 8.97
CA ALA B 117 -15.14 -15.76 9.09
C ALA B 117 -14.95 -16.18 10.55
N PRO B 118 -14.84 -15.27 11.55
CA PRO B 118 -14.70 -15.71 12.95
C PRO B 118 -15.94 -16.50 13.43
N THR B 119 -15.74 -17.43 14.38
CA THR B 119 -16.84 -18.15 15.10
C THR B 119 -17.40 -17.25 16.21
N GLU B 120 -18.53 -17.65 16.79
CA GLU B 120 -19.16 -16.92 17.93
C GLU B 120 -18.12 -16.77 19.04
N GLU B 121 -17.41 -17.87 19.37
CA GLU B 121 -16.35 -17.92 20.42
C GLU B 121 -15.26 -16.86 20.14
N GLU B 122 -14.73 -16.85 18.91
CA GLU B 122 -13.64 -15.93 18.48
C GLU B 122 -14.15 -14.47 18.47
N HIS B 123 -15.43 -14.27 18.15
CA HIS B 123 -16.13 -12.96 18.18
C HIS B 123 -16.16 -12.38 19.61
N ALA B 124 -16.51 -13.21 20.59
CA ALA B 124 -16.62 -12.87 22.04
C ALA B 124 -15.24 -12.46 22.60
N GLN B 125 -14.19 -13.19 22.23
CA GLN B 125 -12.78 -12.94 22.70
C GLN B 125 -12.17 -11.76 21.93
N ARG B 126 -12.65 -11.51 20.71
CA ARG B 126 -11.98 -10.65 19.70
C ARG B 126 -10.52 -11.08 19.57
N ALA B 127 -10.32 -12.40 19.39
CA ALA B 127 -9.00 -13.06 19.28
C ALA B 127 -9.15 -14.44 18.63
N VAL B 128 -8.13 -14.87 17.87
CA VAL B 128 -8.03 -16.21 17.20
C VAL B 128 -6.62 -16.75 17.48
N THR B 129 -6.39 -18.05 17.28
CA THR B 129 -5.03 -18.65 17.36
C THR B 129 -4.29 -18.29 16.06
N LYS B 130 -2.95 -18.24 16.11
CA LYS B 130 -2.12 -17.95 14.90
C LYS B 130 -2.34 -19.05 13.86
N PRO B 131 -2.23 -20.36 14.21
CA PRO B 131 -2.47 -21.42 13.24
C PRO B 131 -3.82 -21.27 12.51
N ARG B 132 -4.90 -21.05 13.26
N ARG B 132 -4.90 -21.03 13.25
CA ARG B 132 -6.27 -20.82 12.69
CA ARG B 132 -6.26 -20.85 12.66
C ARG B 132 -6.24 -19.67 11.68
C ARG B 132 -6.26 -19.67 11.68
N TYR B 133 -5.68 -18.54 12.08
CA TYR B 133 -5.60 -17.34 11.22
C TYR B 133 -4.79 -17.69 9.95
N MET B 134 -3.62 -18.28 10.14
CA MET B 134 -2.69 -18.56 9.01
C MET B 134 -3.35 -19.59 8.08
N GLN B 135 -4.09 -20.58 8.62
CA GLN B 135 -4.79 -21.60 7.78
C GLN B 135 -5.93 -20.93 7.03
N TRP B 136 -6.62 -19.98 7.66
CA TRP B 136 -7.72 -19.26 6.95
C TRP B 136 -7.11 -18.43 5.81
N ARG B 137 -5.97 -17.77 6.05
CA ARG B 137 -5.31 -16.89 5.03
C ARG B 137 -4.95 -17.77 3.83
N GLU B 138 -4.49 -18.99 4.10
CA GLU B 138 -4.02 -19.97 3.08
C GLU B 138 -5.19 -20.37 2.17
N GLY B 139 -6.39 -20.52 2.74
CA GLY B 139 -7.53 -21.11 2.04
C GLY B 139 -8.28 -20.13 1.18
N ILE B 140 -8.36 -18.85 1.55
CA ILE B 140 -9.06 -17.81 0.73
C ILE B 140 -8.09 -17.25 -0.35
N SER B 141 -6.77 -17.33 -0.12
CA SER B 141 -5.74 -17.06 -1.16
C SER B 141 -5.45 -18.32 -1.97
N SER B 142 -4.43 -18.29 -2.82
CA SER B 142 -4.01 -19.44 -3.67
C SER B 142 -3.06 -20.38 -2.92
N SER B 143 -2.69 -20.08 -1.67
CA SER B 143 -1.66 -20.81 -0.90
C SER B 143 -2.04 -22.30 -0.87
N THR B 144 -3.24 -22.62 -0.40
CA THR B 144 -3.64 -24.02 -0.13
C THR B 144 -3.62 -24.83 -1.43
N THR B 145 -4.20 -24.31 -2.50
CA THR B 145 -4.41 -25.08 -3.76
C THR B 145 -3.21 -24.99 -4.71
N LEU B 146 -2.50 -23.85 -4.74
CA LEU B 146 -1.43 -23.63 -5.76
C LEU B 146 -0.04 -23.65 -5.13
N GLY B 147 0.07 -23.46 -3.80
CA GLY B 147 1.35 -23.53 -3.08
C GLY B 147 2.15 -22.25 -3.15
N PHE B 148 1.52 -21.15 -3.50
CA PHE B 148 2.08 -19.78 -3.40
C PHE B 148 0.93 -18.79 -3.32
N ARG B 149 1.25 -17.55 -2.93
CA ARG B 149 0.29 -16.44 -3.04
C ARG B 149 1.03 -15.14 -3.29
N ILE B 150 0.38 -14.26 -4.03
CA ILE B 150 0.87 -12.88 -4.27
C ILE B 150 0.57 -12.07 -3.02
N GLU B 151 1.58 -11.42 -2.45
CA GLU B 151 1.40 -10.60 -1.22
C GLU B 151 1.22 -9.14 -1.64
N GLY B 152 1.98 -8.67 -2.63
CA GLY B 152 2.03 -7.22 -2.87
C GLY B 152 2.79 -6.88 -4.11
N ILE B 153 2.52 -5.67 -4.62
CA ILE B 153 3.13 -5.08 -5.84
C ILE B 153 3.50 -3.64 -5.49
N LYS B 154 4.77 -3.25 -5.71
CA LYS B 154 5.23 -1.83 -5.60
C LYS B 154 5.65 -1.42 -7.02
N LYS B 155 4.96 -0.43 -7.61
CA LYS B 155 5.04 -0.11 -9.06
C LYS B 155 6.06 1.02 -9.24
N ALA B 156 6.58 1.16 -10.47
CA ALA B 156 7.57 2.19 -10.86
C ALA B 156 6.92 3.58 -10.79
N ASP B 157 5.58 3.66 -10.81
CA ASP B 157 4.80 4.92 -10.65
C ASP B 157 4.52 5.22 -9.17
N GLY B 158 5.26 4.63 -8.21
CA GLY B 158 5.17 4.93 -6.76
C GLY B 158 4.00 4.21 -6.09
N SER B 159 3.02 3.79 -6.88
CA SER B 159 1.84 2.99 -6.47
C SER B 159 2.28 1.71 -5.74
N CYS B 160 1.46 1.29 -4.78
CA CYS B 160 1.65 0.13 -3.87
C CYS B 160 0.28 -0.56 -3.77
N SER B 161 0.21 -1.90 -3.81
CA SER B 161 -1.04 -2.67 -3.56
C SER B 161 -0.69 -3.95 -2.80
N THR B 162 -1.42 -4.23 -1.72
CA THR B 162 -1.38 -5.48 -0.93
C THR B 162 -2.78 -6.09 -0.92
N ASP B 163 -3.65 -5.66 -1.85
CA ASP B 163 -5.09 -6.03 -1.88
C ASP B 163 -5.21 -7.37 -2.65
N PHE B 164 -4.62 -8.44 -2.13
CA PHE B 164 -4.60 -9.74 -2.87
C PHE B 164 -5.07 -10.90 -1.98
N LYS B 165 -5.76 -10.59 -0.89
CA LYS B 165 -6.12 -11.59 0.16
C LYS B 165 -7.10 -12.63 -0.41
N THR B 166 -7.88 -12.31 -1.44
CA THR B 166 -8.86 -13.28 -2.03
C THR B 166 -8.45 -13.64 -3.46
N THR B 167 -7.19 -13.43 -3.85
CA THR B 167 -6.67 -13.84 -5.17
C THR B 167 -6.36 -15.34 -5.08
N ARG B 168 -7.17 -16.23 -5.68
CA ARG B 168 -7.08 -17.68 -5.38
C ARG B 168 -6.97 -18.53 -6.63
N SER B 169 -7.79 -18.26 -7.64
CA SER B 169 -7.90 -19.15 -8.81
C SER B 169 -6.67 -18.90 -9.67
N ARG B 170 -6.32 -19.89 -10.48
N ARG B 170 -6.34 -19.88 -10.50
CA ARG B 170 -5.21 -19.84 -11.45
CA ARG B 170 -5.20 -19.86 -11.46
C ARG B 170 -5.39 -18.58 -12.32
C ARG B 170 -5.37 -18.63 -12.37
N GLU B 171 -6.60 -18.40 -12.87
CA GLU B 171 -6.88 -17.29 -13.83
C GLU B 171 -6.81 -15.95 -13.08
N GLN B 172 -7.17 -15.88 -11.81
CA GLN B 172 -7.01 -14.65 -10.99
C GLN B 172 -5.52 -14.32 -10.83
N VAL B 173 -4.70 -15.33 -10.50
CA VAL B 173 -3.24 -15.13 -10.31
C VAL B 173 -2.67 -14.68 -11.66
N LEU B 174 -3.04 -15.36 -12.74
CA LEU B 174 -2.54 -15.00 -14.08
C LEU B 174 -2.83 -13.53 -14.38
N ARG B 175 -4.05 -13.06 -14.06
CA ARG B 175 -4.45 -11.65 -14.32
C ARG B 175 -3.58 -10.68 -13.52
N VAL B 176 -3.19 -11.02 -12.29
CA VAL B 176 -2.29 -10.11 -11.52
C VAL B 176 -0.92 -10.03 -12.23
N PHE B 177 -0.39 -11.17 -12.67
CA PHE B 177 0.92 -11.16 -13.39
C PHE B 177 0.80 -10.39 -14.71
N GLU B 178 -0.29 -10.57 -15.44
CA GLU B 178 -0.54 -9.86 -16.72
C GLU B 178 -0.41 -8.34 -16.47
N GLU B 179 -1.08 -7.84 -15.44
CA GLU B 179 -1.07 -6.40 -15.08
C GLU B 179 0.34 -5.99 -14.66
N PHE B 180 1.02 -6.80 -13.85
CA PHE B 180 2.36 -6.46 -13.32
C PHE B 180 3.37 -6.26 -14.48
N VAL B 181 3.36 -7.11 -15.51
CA VAL B 181 4.39 -7.06 -16.58
C VAL B 181 3.99 -6.08 -17.68
N GLN B 182 2.70 -5.76 -17.85
CA GLN B 182 2.18 -4.74 -18.81
C GLN B 182 2.62 -5.03 -20.24
N GLY B 183 2.45 -6.26 -20.72
CA GLY B 183 2.73 -6.67 -22.11
C GLY B 183 4.21 -6.63 -22.47
N ASP B 184 5.13 -6.54 -21.50
CA ASP B 184 6.59 -6.57 -21.80
C ASP B 184 7.02 -8.03 -22.01
N GLU B 185 7.07 -8.48 -23.26
CA GLU B 185 7.35 -9.89 -23.62
C GLU B 185 8.76 -10.25 -23.14
N GLU B 186 9.70 -9.30 -23.18
CA GLU B 186 11.13 -9.53 -22.83
C GLU B 186 11.19 -9.73 -21.31
N VAL B 187 10.46 -8.93 -20.53
CA VAL B 187 10.49 -9.12 -19.05
C VAL B 187 9.91 -10.49 -18.73
N LEU B 188 8.79 -10.86 -19.34
CA LEU B 188 8.14 -12.16 -19.03
C LEU B 188 9.09 -13.31 -19.41
N ARG B 189 9.74 -13.24 -20.57
CA ARG B 189 10.69 -14.28 -21.04
C ARG B 189 11.80 -14.43 -19.99
N ARG B 190 12.32 -13.31 -19.50
CA ARG B 190 13.47 -13.28 -18.55
C ARG B 190 13.03 -13.83 -17.19
N TYR B 191 11.83 -13.47 -16.75
CA TYR B 191 11.24 -14.08 -15.52
C TYR B 191 11.18 -15.61 -15.65
N LEU B 192 10.59 -16.09 -16.73
CA LEU B 192 10.41 -17.55 -16.94
C LEU B 192 11.77 -18.27 -16.99
N ASN B 193 12.76 -17.69 -17.64
CA ASN B 193 14.11 -18.33 -17.77
C ASN B 193 14.71 -18.39 -16.38
N ARG B 194 14.50 -17.35 -15.57
CA ARG B 194 15.06 -17.31 -14.22
C ARG B 194 14.36 -18.33 -13.31
N LEU B 195 13.03 -18.45 -13.37
CA LEU B 195 12.28 -19.42 -12.53
C LEU B 195 12.71 -20.84 -12.88
N GLN B 196 12.93 -21.14 -14.17
CA GLN B 196 13.36 -22.48 -14.63
C GLN B 196 14.74 -22.80 -14.02
N GLN B 197 15.67 -21.86 -14.09
CA GLN B 197 17.03 -22.00 -13.52
C GLN B 197 16.94 -22.12 -12.00
N ILE B 198 16.07 -21.34 -11.34
CA ILE B 198 15.91 -21.43 -9.87
C ILE B 198 15.38 -22.82 -9.53
N ARG B 199 14.40 -23.31 -10.28
CA ARG B 199 13.84 -24.64 -9.98
C ARG B 199 14.94 -25.70 -10.12
N ASP B 200 15.73 -25.64 -11.19
CA ASP B 200 16.85 -26.60 -11.40
C ASP B 200 17.81 -26.51 -10.20
N THR B 201 18.09 -25.31 -9.69
CA THR B 201 19.03 -25.12 -8.57
C THR B 201 18.46 -25.71 -7.28
N LEU B 202 17.18 -25.45 -6.99
CA LEU B 202 16.49 -25.99 -5.80
C LEU B 202 16.52 -27.52 -5.84
N GLU B 203 16.32 -28.12 -7.00
CA GLU B 203 16.26 -29.61 -7.08
C GLU B 203 17.62 -30.27 -6.76
N VAL B 204 18.74 -29.56 -6.87
CA VAL B 204 20.09 -30.13 -6.58
C VAL B 204 20.69 -29.57 -5.29
N SER B 205 20.07 -28.55 -4.68
CA SER B 205 20.57 -27.83 -3.48
C SER B 205 20.62 -28.73 -2.24
N GLU B 206 21.81 -28.82 -1.60
CA GLU B 206 22.01 -29.65 -0.37
C GLU B 206 21.24 -28.97 0.76
N PHE B 207 21.27 -27.64 0.78
CA PHE B 207 20.53 -26.82 1.76
C PHE B 207 19.04 -27.17 1.64
N PHE B 208 18.50 -27.08 0.42
CA PHE B 208 17.04 -27.11 0.23
C PHE B 208 16.48 -28.47 0.65
N ARG B 209 17.20 -29.55 0.38
CA ARG B 209 16.67 -30.91 0.66
C ARG B 209 16.66 -31.17 2.17
N ARG B 210 17.43 -30.43 2.96
CA ARG B 210 17.59 -30.71 4.42
C ARG B 210 16.93 -29.63 5.25
N HIS B 211 16.22 -28.68 4.62
CA HIS B 211 15.58 -27.55 5.35
C HIS B 211 14.10 -27.49 5.01
N GLU B 212 13.29 -27.19 6.02
CA GLU B 212 11.86 -26.86 5.86
C GLU B 212 11.76 -25.35 5.63
N VAL B 213 11.11 -24.92 4.55
CA VAL B 213 11.22 -23.51 4.08
C VAL B 213 9.83 -22.89 4.17
N ILE B 214 9.55 -22.17 5.27
CA ILE B 214 8.20 -21.63 5.60
C ILE B 214 8.31 -20.11 5.64
N GLY B 215 7.36 -19.41 5.05
CA GLY B 215 7.24 -17.95 5.14
C GLY B 215 8.26 -17.21 4.29
N SER B 216 8.94 -17.89 3.37
CA SER B 216 9.91 -17.26 2.44
C SER B 216 9.14 -16.70 1.25
N SER B 217 9.75 -15.79 0.53
CA SER B 217 9.15 -15.20 -0.68
C SER B 217 10.09 -15.36 -1.88
N LEU B 218 9.50 -15.36 -3.06
CA LEU B 218 10.19 -15.02 -4.33
C LEU B 218 9.91 -13.55 -4.58
N LEU B 219 10.96 -12.77 -4.82
CA LEU B 219 10.86 -11.32 -5.17
C LEU B 219 11.15 -11.11 -6.66
N PHE B 220 10.13 -10.73 -7.42
CA PHE B 220 10.21 -10.39 -8.86
C PHE B 220 10.50 -8.90 -8.96
N VAL B 221 11.57 -8.54 -9.66
CA VAL B 221 11.97 -7.12 -9.89
C VAL B 221 12.16 -6.94 -11.39
N HIS B 222 11.51 -5.93 -11.98
CA HIS B 222 11.81 -5.55 -13.38
C HIS B 222 11.76 -4.03 -13.56
N ASP B 223 12.16 -3.54 -14.73
CA ASP B 223 12.15 -2.06 -14.97
C ASP B 223 11.80 -1.79 -16.43
N HIS B 224 11.68 -0.50 -16.80
CA HIS B 224 11.28 -0.07 -18.15
C HIS B 224 12.38 -0.38 -19.17
N CYS B 225 13.61 -0.65 -18.72
CA CYS B 225 14.73 -1.07 -19.60
C CYS B 225 14.73 -2.58 -19.88
N HIS B 226 13.71 -3.30 -19.38
CA HIS B 226 13.51 -4.76 -19.62
C HIS B 226 14.44 -5.59 -18.74
N ARG B 227 15.14 -5.00 -17.78
CA ARG B 227 15.91 -5.78 -16.78
C ARG B 227 14.90 -6.54 -15.90
N ALA B 228 15.18 -7.80 -15.57
CA ALA B 228 14.28 -8.66 -14.77
C ALA B 228 15.12 -9.61 -13.94
N GLY B 229 14.79 -9.75 -12.67
CA GLY B 229 15.46 -10.63 -11.73
C GLY B 229 14.43 -11.29 -10.83
N VAL B 230 14.79 -12.42 -10.25
CA VAL B 230 13.96 -13.11 -9.23
C VAL B 230 14.91 -13.66 -8.18
N TRP B 231 14.61 -13.42 -6.92
CA TRP B 231 15.40 -13.94 -5.79
C TRP B 231 14.49 -14.54 -4.73
N LEU B 232 14.97 -15.55 -4.02
CA LEU B 232 14.38 -16.07 -2.75
C LEU B 232 14.79 -15.11 -1.65
N ILE B 233 13.85 -14.70 -0.81
CA ILE B 233 14.16 -13.88 0.39
C ILE B 233 13.40 -14.42 1.62
N ASP B 234 13.85 -14.02 2.80
CA ASP B 234 13.15 -14.18 4.11
C ASP B 234 13.27 -15.61 4.61
N PHE B 235 14.33 -15.88 5.34
CA PHE B 235 14.67 -17.23 5.88
C PHE B 235 14.47 -17.24 7.40
N GLY B 236 13.63 -16.34 7.91
CA GLY B 236 13.33 -16.23 9.35
C GLY B 236 12.63 -17.46 9.89
N LYS B 237 11.96 -18.25 9.05
CA LYS B 237 11.23 -19.48 9.50
C LYS B 237 11.71 -20.70 8.72
N THR B 238 12.95 -20.70 8.27
CA THR B 238 13.57 -21.83 7.55
C THR B 238 14.47 -22.55 8.57
N THR B 239 14.19 -23.82 8.84
CA THR B 239 14.84 -24.59 9.95
C THR B 239 15.32 -25.95 9.44
N PRO B 240 16.40 -26.51 10.03
CA PRO B 240 16.95 -27.76 9.53
C PRO B 240 16.08 -28.92 9.99
N LEU B 241 16.12 -30.01 9.25
CA LEU B 241 15.49 -31.30 9.61
C LEU B 241 16.44 -32.10 10.49
N PRO B 242 15.93 -33.02 11.35
CA PRO B 242 16.78 -33.91 12.13
C PRO B 242 17.80 -34.63 11.24
N ASP B 243 18.95 -34.97 11.82
CA ASP B 243 20.12 -35.49 11.05
C ASP B 243 19.63 -36.49 9.99
N GLY B 244 20.08 -36.29 8.74
CA GLY B 244 19.92 -37.24 7.62
C GLY B 244 18.48 -37.45 7.19
N GLN B 245 17.53 -36.63 7.62
CA GLN B 245 16.16 -36.58 7.04
C GLN B 245 16.09 -35.47 5.99
N ILE B 246 15.28 -35.68 4.94
CA ILE B 246 15.12 -34.75 3.79
C ILE B 246 13.63 -34.54 3.49
N LEU B 247 13.30 -33.47 2.77
CA LEU B 247 11.93 -33.19 2.25
C LEU B 247 11.99 -33.29 0.73
N ASP B 248 10.87 -33.61 0.07
CA ASP B 248 10.81 -33.57 -1.42
C ASP B 248 10.16 -32.25 -1.85
N HIS B 249 9.43 -31.55 -0.97
CA HIS B 249 8.90 -30.18 -1.20
C HIS B 249 7.80 -30.20 -2.26
N ARG B 250 7.32 -31.39 -2.65
CA ARG B 250 6.12 -31.54 -3.53
C ARG B 250 4.96 -32.20 -2.81
N ARG B 251 5.20 -33.17 -1.93
CA ARG B 251 4.07 -33.99 -1.41
C ARG B 251 3.24 -33.15 -0.44
N PRO B 252 1.96 -33.49 -0.23
CA PRO B 252 1.10 -32.74 0.70
C PRO B 252 1.64 -32.72 2.14
N TRP B 253 1.39 -31.62 2.83
CA TRP B 253 1.79 -31.48 4.25
C TRP B 253 0.82 -32.32 5.08
N GLU B 254 1.35 -33.14 5.98
CA GLU B 254 0.57 -33.87 7.02
C GLU B 254 1.30 -33.65 8.36
N GLU B 255 0.64 -33.11 9.38
CA GLU B 255 1.34 -32.72 10.63
C GLU B 255 2.32 -33.84 11.03
N GLY B 256 3.59 -33.49 11.25
CA GLY B 256 4.68 -34.45 11.53
C GLY B 256 5.67 -34.59 10.38
N ASN B 257 5.27 -34.41 9.11
CA ASN B 257 6.20 -34.66 7.96
C ASN B 257 6.96 -33.38 7.57
N ARG B 258 6.59 -32.22 8.14
CA ARG B 258 7.29 -30.91 7.95
C ARG B 258 7.36 -30.49 6.46
N GLU B 259 6.54 -31.09 5.59
CA GLU B 259 6.57 -30.74 4.13
C GLU B 259 5.94 -29.35 3.94
N ASP B 260 6.46 -28.59 2.97
CA ASP B 260 6.12 -27.15 2.80
C ASP B 260 5.43 -26.88 1.45
N GLY B 261 5.38 -27.86 0.54
CA GLY B 261 4.82 -27.65 -0.80
C GLY B 261 5.53 -26.56 -1.60
N TYR B 262 6.79 -26.21 -1.29
CA TYR B 262 7.54 -25.12 -1.96
C TYR B 262 7.60 -25.36 -3.48
N LEU B 263 8.02 -26.56 -3.90
CA LEU B 263 8.18 -26.86 -5.35
C LEU B 263 6.83 -27.03 -6.03
N LEU B 264 5.80 -27.47 -5.32
CA LEU B 264 4.44 -27.48 -5.91
C LEU B 264 4.09 -26.04 -6.32
N GLY B 265 4.36 -25.09 -5.43
CA GLY B 265 4.15 -23.67 -5.69
C GLY B 265 4.97 -23.19 -6.88
N LEU B 266 6.28 -23.49 -6.91
CA LEU B 266 7.14 -23.02 -8.01
C LEU B 266 6.69 -23.65 -9.32
N ASP B 267 6.35 -24.95 -9.32
CA ASP B 267 5.80 -25.64 -10.51
C ASP B 267 4.58 -24.85 -11.05
N ASN B 268 3.65 -24.48 -10.17
CA ASN B 268 2.37 -23.84 -10.58
C ASN B 268 2.65 -22.43 -11.09
N LEU B 269 3.58 -21.73 -10.44
CA LEU B 269 3.99 -20.36 -10.83
C LEU B 269 4.61 -20.36 -12.23
N ILE B 270 5.46 -21.34 -12.51
CA ILE B 270 6.12 -21.48 -13.84
C ILE B 270 5.02 -21.79 -14.85
N GLY B 271 4.07 -22.67 -14.51
CA GLY B 271 2.94 -23.02 -15.40
C GLY B 271 2.11 -21.80 -15.75
N ILE B 272 1.86 -20.94 -14.77
CA ILE B 272 1.01 -19.73 -14.94
C ILE B 272 1.74 -18.73 -15.85
N LEU B 273 3.01 -18.47 -15.58
CA LEU B 273 3.77 -17.53 -16.41
C LEU B 273 3.92 -18.07 -17.84
N ALA B 274 4.14 -19.37 -18.04
CA ALA B 274 4.29 -19.97 -19.39
C ALA B 274 2.97 -19.81 -20.15
N SER B 275 1.82 -20.01 -19.48
CA SER B 275 0.46 -19.78 -20.06
C SER B 275 0.36 -18.32 -20.51
N LEU B 276 0.76 -17.40 -19.65
CA LEU B 276 0.64 -15.94 -19.92
C LEU B 276 1.49 -15.58 -21.14
N ALA B 277 2.68 -16.16 -21.26
CA ALA B 277 3.61 -15.92 -22.39
C ALA B 277 2.98 -16.32 -23.72
N GLU B 278 2.06 -17.30 -23.73
CA GLU B 278 1.41 -17.80 -24.99
C GLU B 278 0.14 -17.00 -25.34
N ARG B 279 -0.32 -16.07 -24.48
CA ARG B 279 -1.62 -15.35 -24.62
C ARG B 279 -1.50 -14.14 -25.54
C1 2KM C . 1.31 15.30 -2.44
C2 2KM C . 2.26 16.46 -2.57
C3 2KM C . 3.67 15.98 -2.82
C4 2KM C . 3.74 15.23 -4.12
C5 2KM C . 2.76 14.07 -4.09
C6 2KM C . 1.33 14.52 -3.74
O1 2KM C . 1.73 14.49 -1.33
O23 2KM C . 6.02 17.13 -0.92
O2 2KM C . 2.27 17.18 -1.34
O22 2KM C . 1.80 19.22 0.12
O6 2KM C . 0.78 15.30 -4.79
O32 2KM C . 0.07 18.13 -1.42
P2 2KM C . 1.50 18.59 -1.23
O15 2KM C . 1.01 11.85 -4.86
O35 2KM C . 3.38 11.12 -5.29
O33 2KM C . 6.56 15.89 -3.06
P3 2KM C . 6.07 17.18 -2.44
O5 2KM C . 2.73 13.47 -5.39
O12 2KM C . 2.01 19.40 -2.39
O13 2KM C . 6.71 18.43 -2.97
O25 2KM C . 1.88 11.79 -7.21
O3 2KM C . 4.53 17.12 -2.92
P5 2KM C . 2.22 11.98 -5.75
O4 2KM C . 5.08 14.77 -4.28
PG ATP D . -0.58 13.60 1.88
O1G ATP D . 0.82 14.15 1.55
O2G ATP D . -1.69 14.56 1.54
O3G ATP D . -0.83 12.24 1.31
PB ATP D . -0.49 14.28 4.74
O1B ATP D . -0.60 15.71 4.29
O2B ATP D . 0.64 13.88 5.63
O3B ATP D . -0.63 13.32 3.49
PA ATP D . -3.36 13.81 5.31
O1A ATP D . -3.62 13.93 3.85
O2A ATP D . -3.97 14.80 6.24
O3A ATP D . -1.78 13.84 5.59
O5' ATP D . -3.78 12.34 5.78
C5' ATP D . -3.13 11.13 5.34
C4' ATP D . -3.98 9.93 5.73
O4' ATP D . -4.01 9.80 7.17
C3' ATP D . -5.47 10.01 5.36
O3' ATP D . -5.68 9.67 3.99
C2' ATP D . -6.07 9.02 6.35
O2' ATP D . -5.90 7.66 5.97
C1' ATP D . -5.28 9.38 7.60
N9 ATP D . -5.87 10.48 8.43
C8 ATP D . -5.64 11.83 8.32
N7 ATP D . -6.28 12.53 9.23
C5 ATP D . -6.96 11.58 9.98
C6 ATP D . -7.80 11.69 11.10
N6 ATP D . -8.10 12.84 11.70
N1 ATP D . -8.28 10.54 11.62
C2 ATP D . -7.94 9.38 11.05
N3 ATP D . -7.19 9.16 9.98
C4 ATP D . -6.71 10.32 9.49
MN MN E . -1.00 16.94 2.41
S SO4 F . -25.78 6.80 -15.12
O1 SO4 F . -26.51 7.25 -13.96
O2 SO4 F . -26.16 5.44 -15.42
O3 SO4 F . -26.06 7.66 -16.23
O4 SO4 F . -24.37 6.81 -14.85
S SO4 G . -10.52 -0.14 -15.38
O1 SO4 G . -11.65 0.44 -14.70
O2 SO4 G . -10.75 -1.55 -15.54
O3 SO4 G . -10.37 0.49 -16.67
O4 SO4 G . -9.32 0.07 -14.61
S SO4 H . -14.81 3.29 -19.60
O1 SO4 H . -15.27 2.25 -18.73
O2 SO4 H . -14.84 2.83 -20.96
O3 SO4 H . -13.45 3.62 -19.25
O4 SO4 H . -15.65 4.45 -19.47
C1 2KM I . 3.75 -12.85 8.47
C2 2KM I . 3.79 -13.51 9.83
C3 2KM I . 2.97 -12.72 10.83
C4 2KM I . 1.52 -12.67 10.40
C5 2KM I . 1.44 -12.05 9.02
C6 2KM I . 2.31 -12.80 7.99
O1 2KM I . 4.24 -11.52 8.57
O23 2KM I . 1.86 -11.70 13.47
O2 2KM I . 5.16 -13.58 10.26
O22 2KM I . 7.34 -14.61 10.80
O6 2KM I . 1.84 -14.13 7.81
O32 2KM I . 5.23 -15.96 11.13
P2 2KM I . 5.99 -14.98 10.25
O15 2KM I . -1.87 -11.94 7.10
O35 2KM I . 0.47 -11.37 6.29
O33 2KM I . 3.20 -13.51 14.65
P3 2KM I . 3.13 -12.53 13.51
O5 2KM I . 0.06 -12.11 8.61
O12 2KM I . 5.98 -15.39 8.79
O13 2KM I . 4.39 -11.69 13.36
O25 2KM I . -0.69 -9.83 7.92
O3 2KM I . 3.03 -13.35 12.12
P5 2KM I . -0.56 -11.25 7.39
O4 2KM I . 0.75 -11.88 11.31
PG ATP J . 7.41 -10.21 6.14
O1G ATP J . 7.28 -10.53 7.62
O2G ATP J . 6.24 -9.41 5.62
O3G ATP J . 7.72 -11.44 5.30
PB ATP J . 10.10 -9.11 6.67
O1B ATP J . 10.38 -10.41 7.34
O2B ATP J . 10.24 -7.83 7.43
O3B ATP J . 8.66 -9.18 5.99
PA ATP J . 11.20 -9.71 4.00
O1A ATP J . 10.00 -10.59 3.79
O2A ATP J . 12.57 -10.30 4.02
O3A ATP J . 11.05 -8.94 5.40
O5' ATP J . 11.16 -8.51 2.97
C5' ATP J . 10.05 -7.60 2.96
C4' ATP J . 10.19 -6.77 1.71
O4' ATP J . 11.45 -6.05 1.77
C3' ATP J . 10.27 -7.55 0.40
O3' ATP J . 8.98 -7.81 -0.14
C2' ATP J . 11.02 -6.55 -0.49
O2' ATP J . 10.17 -5.53 -0.96
C1' ATP J . 12.04 -5.98 0.49
N9 ATP J . 13.32 -6.71 0.54
C8 ATP J . 13.70 -7.73 1.37
N7 ATP J . 14.94 -8.12 1.20
C5 ATP J . 15.43 -7.25 0.23
C6 ATP J . 16.70 -7.12 -0.35
N6 ATP J . 17.74 -7.89 -0.04
N1 ATP J . 16.85 -6.14 -1.28
C2 ATP J . 15.81 -5.37 -1.59
N3 ATP J . 14.56 -5.39 -1.09
C4 ATP J . 14.45 -6.37 -0.17
MN MN K . 9.16 -12.76 7.89
S SO4 L . -13.06 -24.43 -0.63
O1 SO4 L . -14.44 -24.83 -0.46
O2 SO4 L . -12.21 -25.21 0.26
O3 SO4 L . -12.94 -23.02 -0.33
O4 SO4 L . -12.65 -24.65 -2.00
S SO4 M . -10.71 -10.97 -10.60
O1 SO4 M . -11.64 -12.09 -10.64
O2 SO4 M . -10.25 -10.79 -9.25
O3 SO4 M . -11.40 -9.78 -11.05
O4 SO4 M . -9.60 -11.24 -11.48
S SO4 N . -8.70 -22.70 -10.98
O1 SO4 N . -10.02 -22.70 -10.39
O2 SO4 N . -8.42 -24.00 -11.53
O3 SO4 N . -7.71 -22.41 -9.98
O4 SO4 N . -8.64 -21.71 -12.03
#